data_6G36
#
_entry.id   6G36
#
_cell.length_a   77.740
_cell.length_b   78.910
_cell.length_c   79.820
_cell.angle_alpha   90.00
_cell.angle_beta   90.00
_cell.angle_gamma   90.00
#
_symmetry.space_group_name_H-M   'P 21 21 21'
#
loop_
_entity.id
_entity.type
_entity.pdbx_description
1 polymer 'Serine/threonine-protein kinase haspin'
2 non-polymer 5-chlorotubercidin
3 non-polymer GLYCEROL
4 non-polymer 'PHOSPHATE ION'
5 non-polymer 'COBALT (II) ION'
6 non-polymer '4-(2-HYDROXYETHYL)-1-PIPERAZINE ETHANESULFONIC ACID'
7 non-polymer 'SODIUM ION'
8 water water
#
_entity_poly.entity_id   1
_entity_poly.type   'polypeptide(L)'
_entity_poly.pdbx_seq_one_letter_code
;MHHHHHHSSGVDLGTENLYFQSMGECSQKGPVPFSHCLPTEKLQRCEKIGEGVFGEVFQTIADHTPVAIKIIAIEGPDLV
NGSHQKTFEEILPEIIISKELSLLSGEVCNRTEGFIGLNSVHCVQGSYPPLLLKAWDHYNSTKGSANDRPDFFKDDQLFI
VLEFEFGGIDLEQMRTKLSSLATAKSILHQLTASLAVAEASLRFEHRDLHWGNVLLKKTSLKKLHYTLNGKSSTIPSCGL
QVSIIDYTLSRLERDGIVVFCDVSMDEDLFTGDGDYQFDIYRLMKKENNNRWGEYHPYSNVLWLHYLTDKMLKQMTFKTK
CNTPAMKQIKRKIQEFHRTMLNFSSATDLLCQHSLFK
;
_entity_poly.pdbx_strand_id   A
#
# COMPACT_ATOMS: atom_id res chain seq x y z
N PHE A 20 10.49 -7.50 -22.90
CA PHE A 20 9.30 -6.59 -23.09
C PHE A 20 8.93 -5.78 -21.87
N GLN A 21 8.56 -4.53 -22.11
CA GLN A 21 8.14 -3.64 -21.03
C GLN A 21 6.76 -4.00 -20.47
N SER A 22 6.46 -3.45 -19.29
CA SER A 22 5.21 -3.70 -18.55
C SER A 22 4.68 -5.13 -18.59
N MET A 23 5.55 -6.11 -18.27
CA MET A 23 5.12 -7.49 -18.14
C MET A 23 4.53 -8.06 -19.45
N GLY A 24 5.01 -7.54 -20.57
CA GLY A 24 4.51 -7.93 -21.89
C GLY A 24 3.29 -7.20 -22.43
N GLU A 25 2.82 -6.17 -21.71
CA GLU A 25 1.65 -5.33 -22.11
C GLU A 25 2.07 -3.99 -22.72
N CYS A 26 3.39 -3.81 -22.91
CA CYS A 26 3.98 -2.74 -23.69
C CYS A 26 4.90 -3.36 -24.73
N SER A 27 4.83 -2.85 -25.96
CA SER A 27 5.57 -3.45 -27.07
C SER A 27 7.04 -3.05 -27.17
N GLN A 28 7.49 -2.10 -26.34
CA GLN A 28 8.91 -1.73 -26.29
C GLN A 28 9.75 -2.83 -25.57
N LYS A 29 10.93 -3.13 -26.10
CA LYS A 29 11.83 -4.14 -25.47
C LYS A 29 13.10 -3.41 -25.02
N GLY A 30 13.65 -3.79 -23.85
CA GLY A 30 14.85 -3.14 -23.30
C GLY A 30 14.45 -1.83 -22.60
N PRO A 31 15.40 -1.18 -21.88
CA PRO A 31 14.97 0.02 -21.13
C PRO A 31 14.47 1.15 -22.03
N VAL A 32 13.60 1.97 -21.48
CA VAL A 32 13.03 3.13 -22.18
C VAL A 32 13.48 4.41 -21.48
N PRO A 33 13.44 5.54 -22.18
CA PRO A 33 13.71 6.81 -21.48
C PRO A 33 12.55 7.24 -20.59
N PHE A 34 12.83 8.15 -19.66
CA PHE A 34 11.77 8.71 -18.83
C PHE A 34 10.61 9.25 -19.69
N SER A 35 10.93 9.86 -20.84
CA SER A 35 9.89 10.48 -21.68
C SER A 35 8.86 9.49 -22.21
N HIS A 36 9.19 8.18 -22.26
CA HIS A 36 8.23 7.17 -22.62
C HIS A 36 7.08 7.12 -21.63
N CYS A 37 7.42 7.14 -20.35
CA CYS A 37 6.45 7.13 -19.24
C CYS A 37 5.85 8.51 -18.96
N LEU A 38 6.63 9.54 -19.23
CA LEU A 38 6.29 10.93 -18.88
C LEU A 38 6.52 11.82 -20.09
N PRO A 39 5.63 11.75 -21.08
CA PRO A 39 5.66 12.70 -22.17
C PRO A 39 5.49 14.10 -21.64
N THR A 40 5.78 15.09 -22.46
CA THR A 40 5.99 16.49 -22.00
CA THR A 40 6.03 16.45 -21.96
C THR A 40 4.89 17.00 -21.07
N GLU A 41 3.62 16.87 -21.48
CA GLU A 41 2.55 17.45 -20.66
C GLU A 41 2.37 16.70 -19.35
N LYS A 42 2.51 15.39 -19.40
CA LYS A 42 2.44 14.57 -18.18
C LYS A 42 3.58 14.89 -17.21
N LEU A 43 4.78 15.07 -17.77
CA LEU A 43 5.96 15.45 -16.95
C LEU A 43 5.75 16.81 -16.31
N GLN A 44 5.28 17.76 -17.11
CA GLN A 44 5.04 19.13 -16.64
C GLN A 44 3.99 19.20 -15.53
N ARG A 45 3.08 18.23 -15.48
CA ARG A 45 2.03 18.23 -14.49
C ARG A 45 2.39 17.44 -13.23
N CYS A 46 3.61 16.87 -13.16
CA CYS A 46 4.04 16.14 -11.99
C CYS A 46 4.22 17.04 -10.76
N GLU A 47 3.66 16.59 -9.66
CA GLU A 47 3.85 17.18 -8.31
C GLU A 47 4.22 16.05 -7.38
N LYS A 48 5.20 16.25 -6.53
CA LYS A 48 5.59 15.22 -5.60
C LYS A 48 4.56 15.10 -4.46
N ILE A 49 4.16 13.86 -4.18
CA ILE A 49 3.18 13.57 -3.14
C ILE A 49 3.65 12.65 -2.03
N GLY A 50 4.82 12.00 -2.16
CA GLY A 50 5.27 11.14 -1.14
C GLY A 50 6.66 10.65 -1.38
N GLU A 51 7.18 9.97 -0.39
CA GLU A 51 8.55 9.49 -0.41
C GLU A 51 8.77 8.38 0.59
N GLY A 52 9.89 7.70 0.40
CA GLY A 52 10.44 6.81 1.40
C GLY A 52 11.85 6.50 1.07
N VAL A 53 12.46 5.58 1.81
CA VAL A 53 13.85 5.25 1.51
C VAL A 53 13.89 4.72 0.07
N PHE A 54 12.83 4.03 -0.36
CA PHE A 54 12.74 3.49 -1.72
C PHE A 54 12.94 4.47 -2.82
N GLY A 55 12.65 5.76 -2.58
CA GLY A 55 12.48 6.66 -3.71
C GLY A 55 11.37 7.65 -3.55
N GLU A 56 10.67 7.94 -4.65
CA GLU A 56 9.83 9.11 -4.77
C GLU A 56 8.51 8.73 -5.38
N VAL A 57 7.47 9.47 -5.00
CA VAL A 57 6.12 9.31 -5.57
C VAL A 57 5.63 10.65 -6.05
N PHE A 58 5.24 10.69 -7.34
CA PHE A 58 4.68 11.88 -7.96
C PHE A 58 3.25 11.65 -8.39
N GLN A 59 2.44 12.67 -8.33
CA GLN A 59 1.12 12.64 -8.95
C GLN A 59 1.17 13.42 -10.22
N THR A 60 0.48 12.93 -11.25
CA THR A 60 0.29 13.66 -12.45
C THR A 60 -1.08 13.29 -13.03
N ILE A 61 -1.30 13.68 -14.27
CA ILE A 61 -2.60 13.52 -14.90
C ILE A 61 -2.35 13.15 -16.34
N ALA A 62 -3.13 12.19 -16.81
CA ALA A 62 -3.16 11.92 -18.22
C ALA A 62 -4.55 11.39 -18.55
N ASP A 63 -5.02 11.74 -19.74
CA ASP A 63 -6.40 11.46 -20.14
C ASP A 63 -7.39 11.85 -19.02
N HIS A 64 -7.17 13.06 -18.49
CA HIS A 64 -8.06 13.70 -17.53
C HIS A 64 -8.14 12.97 -16.18
N THR A 65 -7.20 12.04 -15.92
CA THR A 65 -7.29 11.15 -14.80
C THR A 65 -5.99 11.18 -14.00
N PRO A 66 -6.07 11.45 -12.69
CA PRO A 66 -4.83 11.46 -11.89
C PRO A 66 -4.22 10.06 -11.78
N VAL A 67 -2.89 10.02 -11.71
CA VAL A 67 -2.16 8.81 -11.48
C VAL A 67 -1.03 9.10 -10.52
N ALA A 68 -0.49 8.07 -9.90
CA ALA A 68 0.66 8.18 -9.02
C ALA A 68 1.79 7.38 -9.61
N ILE A 69 2.96 7.96 -9.62
CA ILE A 69 4.14 7.39 -10.27
C ILE A 69 5.19 7.16 -9.19
N LYS A 70 5.54 5.90 -8.92
CA LYS A 70 6.56 5.51 -7.93
C LYS A 70 7.84 5.17 -8.67
N ILE A 71 8.94 5.85 -8.30
CA ILE A 71 10.19 5.77 -9.04
C ILE A 71 11.26 5.27 -8.10
N ILE A 72 11.83 4.12 -8.45
CA ILE A 72 12.80 3.41 -7.59
C ILE A 72 14.08 3.18 -8.38
N ALA A 73 15.21 3.73 -7.93
CA ALA A 73 16.50 3.44 -8.57
C ALA A 73 16.89 2.01 -8.30
N ILE A 74 17.37 1.32 -9.33
CA ILE A 74 17.87 -0.04 -9.17
C ILE A 74 19.25 -0.25 -9.81
N GLU A 75 19.92 -1.31 -9.32
CA GLU A 75 21.10 -1.91 -9.97
C GLU A 75 22.41 -1.14 -9.89
N GLY A 76 22.40 0.06 -9.32
CA GLY A 76 23.58 0.90 -9.20
C GLY A 76 24.29 0.75 -7.87
N PRO A 77 25.51 1.24 -7.79
CA PRO A 77 26.35 1.10 -6.58
C PRO A 77 26.21 2.25 -5.56
N ASP A 78 25.55 3.35 -5.93
CA ASP A 78 25.46 4.51 -5.03
C ASP A 78 24.43 4.22 -3.95
N LEU A 79 24.74 4.66 -2.72
CA LEU A 79 23.68 4.75 -1.73
C LEU A 79 22.66 5.78 -2.18
N VAL A 80 21.41 5.49 -1.89
CA VAL A 80 20.30 6.40 -2.23
C VAL A 80 19.49 6.50 -0.96
N ASN A 81 19.35 7.71 -0.45
CA ASN A 81 18.66 7.92 0.84
C ASN A 81 19.26 7.08 1.95
N GLY A 82 20.55 6.87 1.88
CA GLY A 82 21.27 6.13 2.92
C GLY A 82 21.36 4.62 2.79
N SER A 83 20.67 4.06 1.78
CA SER A 83 20.60 2.60 1.59
C SER A 83 21.04 2.19 0.20
N HIS A 84 21.50 0.94 0.07
CA HIS A 84 21.82 0.41 -1.26
C HIS A 84 20.58 0.20 -2.10
N GLN A 85 20.79 0.33 -3.41
CA GLN A 85 19.74 0.09 -4.37
C GLN A 85 19.47 -1.40 -4.54
N LYS A 86 18.17 -1.70 -4.69
CA LYS A 86 17.80 -3.08 -4.99
C LYS A 86 18.31 -3.47 -6.36
N THR A 87 18.60 -4.76 -6.51
CA THR A 87 18.86 -5.33 -7.81
C THR A 87 17.49 -5.61 -8.49
N PHE A 88 17.55 -5.94 -9.78
CA PHE A 88 16.34 -6.31 -10.47
C PHE A 88 15.68 -7.51 -9.77
N GLU A 89 16.49 -8.50 -9.37
CA GLU A 89 15.93 -9.68 -8.68
C GLU A 89 15.21 -9.30 -7.40
N GLU A 90 15.77 -8.30 -6.68
CA GLU A 90 15.19 -7.84 -5.44
C GLU A 90 13.91 -7.01 -5.59
N ILE A 91 13.75 -6.33 -6.71
CA ILE A 91 12.56 -5.50 -6.92
C ILE A 91 11.45 -6.29 -7.58
N LEU A 92 11.78 -7.44 -8.20
CA LEU A 92 10.74 -8.23 -8.89
C LEU A 92 9.55 -8.60 -7.99
N PRO A 93 9.78 -8.99 -6.73
CA PRO A 93 8.60 -9.35 -5.92
C PRO A 93 7.57 -8.22 -5.79
N GLU A 94 8.00 -6.98 -5.55
CA GLU A 94 7.04 -5.90 -5.44
C GLU A 94 6.29 -5.73 -6.77
N ILE A 95 6.99 -5.88 -7.88
CA ILE A 95 6.34 -5.76 -9.21
C ILE A 95 5.26 -6.82 -9.37
N ILE A 96 5.65 -8.06 -9.13
CA ILE A 96 4.74 -9.17 -9.27
C ILE A 96 3.52 -9.01 -8.36
N ILE A 97 3.75 -8.66 -7.11
CA ILE A 97 2.66 -8.58 -6.17
C ILE A 97 1.76 -7.41 -6.51
N SER A 98 2.32 -6.28 -6.93
CA SER A 98 1.48 -5.15 -7.35
C SER A 98 0.52 -5.59 -8.45
N LYS A 99 1.03 -6.37 -9.42
CA LYS A 99 0.17 -6.80 -10.51
C LYS A 99 -0.90 -7.79 -10.04
N GLU A 100 -0.50 -8.76 -9.22
CA GLU A 100 -1.48 -9.76 -8.77
C GLU A 100 -2.62 -9.11 -7.99
N LEU A 101 -2.27 -8.16 -7.13
CA LEU A 101 -3.29 -7.53 -6.29
C LEU A 101 -4.21 -6.61 -7.11
N SER A 102 -3.64 -5.93 -8.09
CA SER A 102 -4.46 -5.12 -9.01
C SER A 102 -5.46 -5.99 -9.73
N LEU A 103 -5.00 -7.19 -10.17
CA LEU A 103 -5.85 -8.08 -10.95
C LEU A 103 -7.06 -8.60 -10.18
N LEU A 104 -7.03 -8.50 -8.84
CA LEU A 104 -8.18 -8.95 -8.09
C LEU A 104 -9.43 -8.15 -8.38
N SER A 105 -9.30 -6.94 -8.91
CA SER A 105 -10.50 -6.20 -9.26
C SER A 105 -11.30 -6.81 -10.37
N GLY A 106 -10.66 -7.66 -11.19
CA GLY A 106 -11.31 -8.29 -12.32
C GLY A 106 -11.57 -9.78 -12.19
N GLU A 107 -11.31 -10.33 -10.99
CA GLU A 107 -11.54 -11.74 -10.78
C GLU A 107 -12.97 -12.04 -10.40
N VAL A 108 -13.30 -13.29 -10.19
CA VAL A 108 -14.70 -13.72 -10.01
C VAL A 108 -14.91 -14.30 -8.61
N CYS A 109 -14.22 -15.40 -8.29
CA CYS A 109 -14.40 -16.05 -7.01
C CYS A 109 -13.88 -15.25 -5.84
N ASN A 110 -12.74 -14.60 -6.08
CA ASN A 110 -12.12 -13.74 -5.07
C ASN A 110 -11.83 -12.41 -5.72
N ARG A 111 -12.68 -11.43 -5.42
N ARG A 111 -12.69 -11.44 -5.45
CA ARG A 111 -12.72 -10.15 -6.14
CA ARG A 111 -12.67 -10.16 -6.13
C ARG A 111 -12.71 -9.02 -5.12
C ARG A 111 -12.70 -9.03 -5.11
N THR A 112 -11.82 -8.06 -5.32
CA THR A 112 -11.81 -6.85 -4.49
C THR A 112 -11.16 -5.75 -5.27
N GLU A 113 -11.65 -4.51 -5.05
CA GLU A 113 -11.00 -3.31 -5.55
C GLU A 113 -10.20 -2.60 -4.46
N GLY A 114 -9.98 -3.25 -3.31
CA GLY A 114 -9.35 -2.59 -2.18
C GLY A 114 -7.83 -2.51 -2.18
N PHE A 115 -7.20 -3.04 -3.23
N PHE A 115 -7.18 -3.03 -3.20
CA PHE A 115 -5.78 -2.79 -3.53
CA PHE A 115 -5.75 -2.76 -3.36
C PHE A 115 -5.67 -1.84 -4.70
C PHE A 115 -5.67 -1.48 -4.21
N ILE A 116 -4.56 -1.22 -4.84
CA ILE A 116 -4.46 -0.13 -5.79
C ILE A 116 -4.29 -0.65 -7.20
N GLY A 117 -4.92 0.01 -8.16
CA GLY A 117 -4.69 -0.40 -9.54
C GLY A 117 -3.32 -0.15 -10.05
N LEU A 118 -2.80 -1.08 -10.83
CA LEU A 118 -1.51 -0.92 -11.46
C LEU A 118 -1.72 -0.69 -12.96
N ASN A 119 -1.34 0.49 -13.44
CA ASN A 119 -1.51 0.79 -14.85
C ASN A 119 -0.38 0.21 -15.68
N SER A 120 0.87 0.37 -15.22
CA SER A 120 2.01 -0.08 -15.99
C SER A 120 3.23 -0.12 -15.12
N VAL A 121 4.24 -0.86 -15.59
N VAL A 121 4.22 -0.89 -15.59
CA VAL A 121 5.54 -0.85 -14.95
CA VAL A 121 5.56 -0.92 -15.00
C VAL A 121 6.61 -0.85 -16.02
C VAL A 121 6.58 -0.80 -16.11
N HIS A 122 7.56 0.08 -15.91
CA HIS A 122 8.66 0.20 -16.89
C HIS A 122 10.01 0.15 -16.20
N CYS A 123 10.98 -0.37 -16.93
CA CYS A 123 12.38 -0.15 -16.57
C CYS A 123 12.88 0.98 -17.44
N VAL A 124 13.27 2.06 -16.78
CA VAL A 124 13.72 3.29 -17.38
C VAL A 124 15.21 3.46 -17.19
N GLN A 125 15.85 4.06 -18.20
CA GLN A 125 17.26 4.40 -18.13
CA GLN A 125 17.25 4.40 -18.14
C GLN A 125 17.47 5.88 -18.39
N GLY A 126 18.23 6.53 -17.51
CA GLY A 126 18.61 7.92 -17.71
C GLY A 126 18.86 8.68 -16.43
N SER A 127 19.36 9.93 -16.57
CA SER A 127 19.46 10.80 -15.40
C SER A 127 18.05 11.26 -14.99
N TYR A 128 17.93 11.75 -13.77
CA TYR A 128 16.63 12.16 -13.26
C TYR A 128 16.10 13.39 -14.01
N PRO A 129 14.85 13.37 -14.45
CA PRO A 129 14.35 14.55 -15.17
C PRO A 129 14.40 15.87 -14.37
N PRO A 130 14.97 16.92 -14.95
CA PRO A 130 14.94 18.22 -14.28
C PRO A 130 13.55 18.65 -13.83
N LEU A 131 12.52 18.32 -14.60
CA LEU A 131 11.17 18.71 -14.14
C LEU A 131 10.73 17.96 -12.89
N LEU A 132 11.19 16.74 -12.72
CA LEU A 132 10.89 16.01 -11.46
C LEU A 132 11.71 16.58 -10.32
N LEU A 133 12.94 17.04 -10.60
CA LEU A 133 13.74 17.72 -9.56
C LEU A 133 13.07 19.00 -9.12
N LYS A 134 12.47 19.73 -10.05
CA LYS A 134 11.71 20.94 -9.70
C LYS A 134 10.56 20.60 -8.74
N ALA A 135 9.79 19.56 -9.04
CA ALA A 135 8.73 19.10 -8.17
C ALA A 135 9.30 18.63 -6.81
N TRP A 136 10.42 17.93 -6.86
CA TRP A 136 11.07 17.45 -5.62
C TRP A 136 11.45 18.65 -4.73
N ASP A 137 11.99 19.68 -5.35
CA ASP A 137 12.37 20.92 -4.62
C ASP A 137 11.18 21.59 -3.99
N HIS A 138 10.05 21.64 -4.69
CA HIS A 138 8.89 22.33 -4.15
C HIS A 138 8.38 21.63 -2.90
N TYR A 139 8.35 20.30 -2.93
CA TYR A 139 7.98 19.49 -1.77
C TYR A 139 8.95 19.68 -0.61
N ASN A 140 10.25 19.71 -0.91
CA ASN A 140 11.25 19.92 0.14
C ASN A 140 11.05 21.28 0.81
N SER A 141 10.73 22.30 0.01
CA SER A 141 10.55 23.67 0.49
C SER A 141 9.29 23.83 1.32
N THR A 142 8.26 23.04 1.05
CA THR A 142 6.98 23.16 1.75
C THR A 142 6.71 22.16 2.85
N LYS A 143 6.97 20.88 2.61
CA LYS A 143 6.77 19.80 3.55
C LYS A 143 8.07 19.35 4.23
N GLY A 144 9.20 19.46 3.53
CA GLY A 144 10.48 18.96 4.05
C GLY A 144 10.65 17.49 3.65
N SER A 145 11.84 17.14 3.20
CA SER A 145 12.12 15.78 2.80
C SER A 145 13.21 15.16 3.66
N ALA A 146 13.07 13.86 3.87
CA ALA A 146 14.12 13.05 4.50
C ALA A 146 15.07 12.45 3.46
N ASN A 147 14.80 12.65 2.18
CA ASN A 147 15.61 12.02 1.12
C ASN A 147 16.69 12.92 0.58
N ASP A 148 17.64 12.29 -0.11
CA ASP A 148 18.59 13.05 -0.91
C ASP A 148 17.91 13.61 -2.15
N ARG A 149 18.36 14.79 -2.59
CA ARG A 149 17.85 15.34 -3.83
C ARG A 149 18.36 14.40 -4.95
N PRO A 150 17.46 13.85 -5.79
CA PRO A 150 17.90 12.75 -6.69
C PRO A 150 18.52 13.27 -7.99
N ASP A 151 19.56 14.08 -7.82
CA ASP A 151 20.17 14.81 -8.93
C ASP A 151 21.55 14.29 -9.33
N PHE A 152 21.92 13.14 -8.74
CA PHE A 152 23.28 12.62 -8.84
C PHE A 152 23.37 11.38 -9.73
N PHE A 153 22.26 11.01 -10.36
CA PHE A 153 22.24 9.85 -11.21
C PHE A 153 22.81 10.17 -12.60
N LYS A 154 23.51 9.19 -13.16
CA LYS A 154 24.11 9.30 -14.48
C LYS A 154 23.15 8.76 -15.55
N ASP A 155 23.53 8.95 -16.80
CA ASP A 155 22.65 8.59 -17.91
C ASP A 155 22.53 7.09 -18.15
N ASP A 156 23.30 6.27 -17.44
CA ASP A 156 23.13 4.81 -17.49
C ASP A 156 22.33 4.27 -16.35
N GLN A 157 21.83 5.13 -15.46
CA GLN A 157 21.10 4.68 -14.27
C GLN A 157 19.79 4.01 -14.67
N LEU A 158 19.50 2.88 -14.03
CA LEU A 158 18.21 2.23 -14.21
C LEU A 158 17.28 2.55 -13.07
N PHE A 159 15.99 2.56 -13.41
CA PHE A 159 14.89 2.78 -12.46
C PHE A 159 13.76 1.83 -12.81
N ILE A 160 12.96 1.50 -11.82
CA ILE A 160 11.63 0.95 -12.05
C ILE A 160 10.63 2.08 -11.80
N VAL A 161 9.72 2.27 -12.78
CA VAL A 161 8.68 3.26 -12.67
C VAL A 161 7.36 2.50 -12.67
N LEU A 162 6.69 2.55 -11.54
CA LEU A 162 5.38 1.91 -11.37
C LEU A 162 4.32 3.00 -11.45
N GLU A 163 3.40 2.89 -12.39
CA GLU A 163 2.28 3.85 -12.49
C GLU A 163 1.05 3.21 -11.91
N PHE A 164 0.53 3.83 -10.85
CA PHE A 164 -0.63 3.36 -10.17
C PHE A 164 -1.81 4.29 -10.38
N GLU A 165 -3.01 3.72 -10.21
CA GLU A 165 -4.18 4.51 -9.92
C GLU A 165 -3.86 5.49 -8.77
N PHE A 166 -4.38 6.72 -8.88
CA PHE A 166 -4.31 7.63 -7.74
C PHE A 166 -5.32 7.18 -6.70
N GLY A 167 -4.83 6.86 -5.48
CA GLY A 167 -5.66 6.27 -4.45
C GLY A 167 -6.22 7.24 -3.43
N GLY A 168 -5.87 8.52 -3.51
CA GLY A 168 -6.33 9.50 -2.51
C GLY A 168 -5.22 9.83 -1.54
N ILE A 169 -5.60 10.10 -0.30
CA ILE A 169 -4.69 10.60 0.73
C ILE A 169 -4.51 9.56 1.80
N ASP A 170 -3.29 9.40 2.30
CA ASP A 170 -3.03 8.36 3.30
C ASP A 170 -3.66 8.70 4.66
N LEU A 171 -3.95 7.62 5.38
CA LEU A 171 -4.62 7.71 6.67
C LEU A 171 -3.84 8.60 7.65
N GLU A 172 -2.51 8.51 7.64
CA GLU A 172 -1.67 9.38 8.50
C GLU A 172 -1.95 10.86 8.22
N GLN A 173 -1.96 11.23 6.93
CA GLN A 173 -2.23 12.63 6.58
C GLN A 173 -3.68 13.04 6.83
N MET A 174 -4.57 12.04 6.98
CA MET A 174 -5.97 12.26 7.33
C MET A 174 -6.25 12.16 8.84
N ARG A 175 -5.20 12.20 9.64
CA ARG A 175 -5.35 12.07 11.11
C ARG A 175 -6.43 12.96 11.70
N THR A 176 -6.55 14.18 11.21
CA THR A 176 -7.48 15.19 11.74
C THR A 176 -8.65 15.49 10.83
N LYS A 177 -8.86 14.66 9.80
CA LYS A 177 -9.74 15.05 8.68
C LYS A 177 -10.99 14.22 8.52
N LEU A 178 -11.13 13.11 9.24
CA LEU A 178 -12.27 12.22 9.06
C LEU A 178 -13.45 12.65 9.89
N SER A 179 -14.64 12.28 9.44
CA SER A 179 -15.87 12.76 10.03
C SER A 179 -16.11 12.22 11.44
N SER A 180 -16.07 10.91 11.57
CA SER A 180 -16.37 10.28 12.84
C SER A 180 -15.86 8.86 12.90
N LEU A 181 -16.00 8.24 14.06
CA LEU A 181 -15.60 6.83 14.18
C LEU A 181 -16.45 5.89 13.31
N ALA A 182 -17.64 6.33 12.87
CA ALA A 182 -18.40 5.53 11.88
C ALA A 182 -17.57 5.31 10.62
N THR A 183 -16.87 6.36 10.21
CA THR A 183 -15.98 6.26 9.05
C THR A 183 -14.84 5.28 9.32
N ALA A 184 -14.28 5.32 10.52
CA ALA A 184 -13.22 4.41 10.91
C ALA A 184 -13.70 2.94 10.82
N LYS A 185 -14.95 2.68 11.18
CA LYS A 185 -15.52 1.34 11.08
C LYS A 185 -15.52 0.89 9.61
N SER A 186 -16.01 1.73 8.73
CA SER A 186 -15.99 1.43 7.29
C SER A 186 -14.59 1.12 6.79
N ILE A 187 -13.63 1.93 7.20
CA ILE A 187 -12.27 1.78 6.78
C ILE A 187 -11.73 0.41 7.24
N LEU A 188 -11.98 0.06 8.50
CA LEU A 188 -11.51 -1.24 9.02
C LEU A 188 -12.19 -2.38 8.31
N HIS A 189 -13.47 -2.24 8.01
CA HIS A 189 -14.19 -3.29 7.29
C HIS A 189 -13.63 -3.48 5.86
N GLN A 190 -13.40 -2.37 5.17
CA GLN A 190 -12.83 -2.41 3.82
C GLN A 190 -11.45 -3.04 3.83
N LEU A 191 -10.61 -2.69 4.80
CA LEU A 191 -9.28 -3.24 4.88
C LEU A 191 -9.32 -4.75 5.17
N THR A 192 -10.19 -5.14 6.10
CA THR A 192 -10.28 -6.56 6.50
C THR A 192 -10.80 -7.39 5.31
N ALA A 193 -11.79 -6.87 4.61
CA ALA A 193 -12.31 -7.59 3.44
C ALA A 193 -11.29 -7.74 2.33
N SER A 194 -10.54 -6.70 2.05
CA SER A 194 -9.54 -6.77 0.97
C SER A 194 -8.46 -7.80 1.33
N LEU A 195 -7.99 -7.73 2.58
CA LEU A 195 -6.98 -8.67 3.01
C LEU A 195 -7.51 -10.11 2.98
N ALA A 196 -8.78 -10.32 3.40
CA ALA A 196 -9.38 -11.66 3.37
C ALA A 196 -9.42 -12.20 1.93
N VAL A 197 -9.85 -11.38 1.00
CA VAL A 197 -9.92 -11.80 -0.41
C VAL A 197 -8.54 -12.17 -0.93
N ALA A 198 -7.53 -11.38 -0.57
CA ALA A 198 -6.16 -11.70 -1.01
C ALA A 198 -5.57 -12.95 -0.30
N GLU A 199 -5.96 -13.17 0.97
CA GLU A 199 -5.62 -14.42 1.63
C GLU A 199 -6.17 -15.62 0.85
N ALA A 200 -7.45 -15.52 0.52
CA ALA A 200 -8.19 -16.61 -0.09
C ALA A 200 -7.66 -16.91 -1.49
N SER A 201 -7.28 -15.86 -2.23
CA SER A 201 -6.85 -16.00 -3.63
CA SER A 201 -6.86 -16.07 -3.61
C SER A 201 -5.36 -16.35 -3.76
N LEU A 202 -4.57 -15.74 -2.89
CA LEU A 202 -3.13 -15.64 -3.08
C LEU A 202 -2.30 -16.00 -1.85
N ARG A 203 -2.93 -16.39 -0.73
CA ARG A 203 -2.20 -16.61 0.53
C ARG A 203 -1.29 -15.40 0.80
N PHE A 204 -1.90 -14.22 0.68
CA PHE A 204 -1.23 -12.96 0.79
C PHE A 204 -1.04 -12.49 2.23
N GLU A 205 0.15 -11.95 2.50
CA GLU A 205 0.40 -11.12 3.68
C GLU A 205 1.00 -9.81 3.28
N HIS A 206 0.45 -8.72 3.76
CA HIS A 206 1.01 -7.42 3.36
C HIS A 206 2.36 -7.14 4.01
N ARG A 207 2.41 -7.35 5.32
CA ARG A 207 3.64 -7.27 6.13
C ARG A 207 4.18 -5.89 6.43
N ASP A 208 3.55 -4.83 5.95
CA ASP A 208 4.03 -3.46 6.23
C ASP A 208 2.90 -2.44 6.12
N LEU A 209 1.76 -2.78 6.73
N LEU A 209 1.76 -2.78 6.73
CA LEU A 209 0.54 -1.97 6.52
CA LEU A 209 0.55 -1.98 6.50
C LEU A 209 0.43 -0.86 7.55
C LEU A 209 0.42 -0.87 7.54
N HIS A 210 1.46 -0.03 7.60
CA HIS A 210 1.42 1.15 8.45
C HIS A 210 0.44 2.15 7.82
N TRP A 211 0.11 3.20 8.58
CA TRP A 211 -0.97 4.10 8.16
C TRP A 211 -0.60 5.02 7.00
N GLY A 212 0.68 5.03 6.58
CA GLY A 212 1.00 5.63 5.30
C GLY A 212 0.56 4.84 4.10
N ASN A 213 0.20 3.57 4.32
CA ASN A 213 -0.12 2.64 3.23
C ASN A 213 -1.60 2.33 3.10
N VAL A 214 -2.43 3.11 3.78
CA VAL A 214 -3.87 3.02 3.67
C VAL A 214 -4.33 4.34 3.04
N LEU A 215 -4.84 4.29 1.80
CA LEU A 215 -5.28 5.52 1.11
C LEU A 215 -6.76 5.66 1.09
N LEU A 216 -7.25 6.89 1.20
CA LEU A 216 -8.68 7.19 1.24
C LEU A 216 -9.02 8.16 0.12
N LYS A 217 -10.08 7.85 -0.64
CA LYS A 217 -10.56 8.69 -1.73
C LYS A 217 -12.07 8.78 -1.62
N LYS A 218 -12.65 9.92 -1.93
CA LYS A 218 -14.09 10.05 -1.94
C LYS A 218 -14.73 9.14 -3.00
N THR A 219 -15.89 8.59 -2.68
CA THR A 219 -16.71 7.85 -3.62
C THR A 219 -18.15 8.30 -3.44
N SER A 220 -18.89 8.34 -4.55
CA SER A 220 -20.32 8.50 -4.49
C SER A 220 -21.07 7.17 -4.31
N LEU A 221 -20.36 6.03 -4.30
CA LEU A 221 -21.04 4.77 -4.08
C LEU A 221 -21.41 4.67 -2.60
N LYS A 222 -22.61 4.24 -2.29
CA LYS A 222 -23.03 4.07 -0.91
C LYS A 222 -22.51 2.77 -0.32
N LYS A 223 -22.35 1.77 -1.19
CA LYS A 223 -21.87 0.44 -0.82
C LYS A 223 -20.78 0.01 -1.79
N LEU A 224 -19.81 -0.70 -1.22
CA LEU A 224 -18.72 -1.29 -2.00
C LEU A 224 -18.92 -2.81 -1.98
N HIS A 225 -18.49 -3.46 -3.06
CA HIS A 225 -18.74 -4.88 -3.30
C HIS A 225 -17.44 -5.64 -3.27
N TYR A 226 -17.47 -6.83 -2.68
CA TYR A 226 -16.37 -7.81 -2.80
C TYR A 226 -16.96 -9.21 -2.90
N THR A 227 -16.16 -10.16 -3.37
CA THR A 227 -16.52 -11.56 -3.40
C THR A 227 -15.40 -12.36 -2.75
N LEU A 228 -15.78 -13.19 -1.78
CA LEU A 228 -14.86 -14.05 -1.04
C LEU A 228 -15.30 -15.49 -1.28
N ASN A 229 -14.42 -16.27 -1.91
CA ASN A 229 -14.70 -17.69 -2.21
C ASN A 229 -16.11 -17.89 -2.79
N GLY A 230 -16.43 -17.00 -3.73
CA GLY A 230 -17.67 -17.11 -4.47
C GLY A 230 -18.90 -16.48 -3.85
N LYS A 231 -18.78 -15.94 -2.64
CA LYS A 231 -19.90 -15.33 -1.91
C LYS A 231 -19.69 -13.83 -1.92
N SER A 232 -20.59 -13.12 -2.59
CA SER A 232 -20.55 -11.66 -2.69
C SER A 232 -21.24 -10.98 -1.50
N SER A 233 -20.65 -9.86 -1.07
CA SER A 233 -21.22 -9.04 -0.02
C SER A 233 -20.89 -7.59 -0.24
N THR A 234 -21.43 -6.73 0.61
CA THR A 234 -21.22 -5.31 0.48
C THR A 234 -20.81 -4.68 1.80
N ILE A 235 -20.20 -3.52 1.68
CA ILE A 235 -19.73 -2.74 2.84
C ILE A 235 -20.20 -1.30 2.65
N PRO A 236 -20.85 -0.71 3.67
CA PRO A 236 -21.20 0.69 3.55
C PRO A 236 -19.93 1.56 3.48
N SER A 237 -19.87 2.47 2.52
CA SER A 237 -18.66 3.21 2.26
C SER A 237 -18.39 4.38 3.21
N CYS A 238 -19.45 4.94 3.80
CA CYS A 238 -19.36 6.25 4.45
C CYS A 238 -18.68 7.28 3.57
N GLY A 239 -18.88 7.17 2.25
CA GLY A 239 -18.32 8.11 1.32
C GLY A 239 -16.86 8.00 0.96
N LEU A 240 -16.17 6.94 1.40
CA LEU A 240 -14.76 6.73 1.12
C LEU A 240 -14.50 5.32 0.57
N GLN A 241 -13.57 5.29 -0.37
CA GLN A 241 -13.02 4.03 -0.85
C GLN A 241 -11.58 3.94 -0.38
N VAL A 242 -11.26 2.80 0.23
CA VAL A 242 -9.94 2.52 0.75
C VAL A 242 -9.12 1.73 -0.26
N SER A 243 -7.87 2.13 -0.40
CA SER A 243 -6.90 1.39 -1.21
C SER A 243 -5.65 1.09 -0.39
N ILE A 244 -5.23 -0.16 -0.39
CA ILE A 244 -4.01 -0.60 0.27
C ILE A 244 -2.89 -0.50 -0.78
N ILE A 245 -1.75 0.05 -0.38
CA ILE A 245 -0.57 0.20 -1.25
C ILE A 245 0.69 -0.40 -0.58
N ASP A 246 1.74 -0.47 -1.41
CA ASP A 246 3.15 -0.65 -1.03
C ASP A 246 3.47 -2.08 -0.62
N TYR A 247 3.91 -2.88 -1.58
CA TYR A 247 4.09 -4.31 -1.36
C TYR A 247 5.55 -4.71 -1.23
N THR A 248 6.37 -3.75 -0.78
CA THR A 248 7.80 -3.98 -0.61
C THR A 248 8.18 -5.13 0.31
N LEU A 249 7.37 -5.39 1.36
CA LEU A 249 7.63 -6.48 2.28
C LEU A 249 6.64 -7.66 2.13
N SER A 250 5.76 -7.58 1.13
CA SER A 250 4.66 -8.54 1.04
C SER A 250 5.07 -9.93 0.57
N ARG A 251 4.14 -10.86 0.77
CA ARG A 251 4.30 -12.25 0.39
C ARG A 251 3.00 -12.76 -0.20
N LEU A 252 3.11 -13.62 -1.21
CA LEU A 252 1.97 -14.36 -1.71
C LEU A 252 2.48 -15.60 -2.42
N GLU A 253 1.56 -16.39 -2.94
CA GLU A 253 1.94 -17.56 -3.72
C GLU A 253 0.90 -17.86 -4.79
N ARG A 254 1.35 -18.48 -5.87
CA ARG A 254 0.47 -18.97 -6.92
C ARG A 254 0.91 -20.34 -7.31
N ASP A 255 -0.07 -21.24 -7.34
CA ASP A 255 0.16 -22.66 -7.66
C ASP A 255 1.36 -23.17 -6.89
N GLY A 256 1.35 -22.79 -5.62
CA GLY A 256 2.38 -23.18 -4.72
C GLY A 256 3.75 -22.59 -4.84
N ILE A 257 3.96 -21.61 -5.74
CA ILE A 257 5.21 -20.89 -5.89
C ILE A 257 5.17 -19.53 -5.11
N VAL A 258 6.13 -19.28 -4.22
CA VAL A 258 6.05 -18.17 -3.24
C VAL A 258 6.93 -17.03 -3.70
N VAL A 259 6.40 -15.81 -3.59
CA VAL A 259 7.09 -14.60 -3.85
C VAL A 259 7.07 -13.77 -2.56
N PHE A 260 8.23 -13.33 -2.11
CA PHE A 260 8.33 -12.62 -0.82
C PHE A 260 9.63 -11.87 -0.67
N CYS A 261 9.74 -11.10 0.41
CA CYS A 261 10.96 -10.37 0.76
C CYS A 261 11.57 -11.08 1.98
N ASP A 262 12.72 -11.72 1.79
CA ASP A 262 13.36 -12.44 2.84
C ASP A 262 14.10 -11.42 3.72
N VAL A 263 13.50 -11.11 4.87
CA VAL A 263 14.07 -10.17 5.85
C VAL A 263 14.69 -10.86 7.08
N SER A 264 14.93 -12.16 6.98
CA SER A 264 15.46 -12.96 8.09
C SER A 264 16.79 -12.45 8.64
N MET A 265 17.61 -11.87 7.77
CA MET A 265 18.96 -11.40 8.13
C MET A 265 18.98 -9.89 8.34
N ASP A 266 17.83 -9.23 8.26
CA ASP A 266 17.76 -7.77 8.46
C ASP A 266 17.90 -7.47 9.95
N GLU A 267 18.72 -6.49 10.29
CA GLU A 267 18.91 -6.10 11.69
C GLU A 267 17.85 -5.05 11.97
N ASP A 268 17.98 -3.95 11.23
CA ASP A 268 17.30 -2.69 11.50
C ASP A 268 15.78 -2.79 11.57
N LEU A 269 15.20 -3.68 10.78
CA LEU A 269 13.73 -3.80 10.70
C LEU A 269 13.11 -4.10 12.06
N PHE A 270 13.84 -4.80 12.91
CA PHE A 270 13.32 -5.30 14.18
C PHE A 270 13.76 -4.52 15.41
N THR A 271 14.44 -3.40 15.20
CA THR A 271 15.00 -2.61 16.33
C THR A 271 14.41 -1.19 16.42
N GLY A 272 13.30 -0.93 15.73
CA GLY A 272 12.61 0.36 15.84
C GLY A 272 11.95 0.55 17.21
N ASP A 273 11.64 1.80 17.55
CA ASP A 273 10.92 2.14 18.78
C ASP A 273 10.09 3.42 18.61
N GLY A 274 9.20 3.67 19.56
CA GLY A 274 8.39 4.90 19.60
C GLY A 274 7.03 4.86 18.92
N ASP A 275 6.64 3.71 18.42
CA ASP A 275 5.35 3.55 17.72
C ASP A 275 5.12 2.06 17.72
N TYR A 276 3.88 1.67 18.00
CA TYR A 276 3.45 0.27 17.87
C TYR A 276 3.82 -0.38 16.52
N GLN A 277 3.93 0.43 15.47
CA GLN A 277 4.40 -0.05 14.18
C GLN A 277 5.63 -0.94 14.32
N PHE A 278 6.61 -0.48 15.11
CA PHE A 278 7.88 -1.18 15.23
C PHE A 278 7.80 -2.48 16.00
N ASP A 279 6.82 -2.55 16.90
CA ASP A 279 6.48 -3.81 17.56
C ASP A 279 5.91 -4.81 16.58
N ILE A 280 5.12 -4.37 15.62
CA ILE A 280 4.51 -5.32 14.67
C ILE A 280 5.58 -6.11 13.92
N TYR A 281 6.69 -5.45 13.55
CA TYR A 281 7.78 -6.22 12.90
C TYR A 281 8.28 -7.36 13.78
N ARG A 282 8.50 -7.04 15.05
CA ARG A 282 8.94 -8.05 16.03
C ARG A 282 7.90 -9.15 16.25
N LEU A 283 6.64 -8.74 16.33
CA LEU A 283 5.56 -9.69 16.52
C LEU A 283 5.38 -10.64 15.32
N MET A 284 5.61 -10.14 14.08
CA MET A 284 5.61 -10.99 12.92
C MET A 284 6.71 -12.05 12.98
N LYS A 285 7.92 -11.61 13.34
CA LYS A 285 9.08 -12.47 13.46
C LYS A 285 8.83 -13.55 14.52
N LYS A 286 8.15 -13.20 15.61
CA LYS A 286 7.77 -14.18 16.64
C LYS A 286 6.80 -15.22 16.08
N GLU A 287 5.75 -14.74 15.41
CA GLU A 287 4.74 -15.60 14.79
C GLU A 287 5.32 -16.61 13.77
N ASN A 288 6.26 -16.14 12.95
CA ASN A 288 6.79 -16.97 11.83
C ASN A 288 8.11 -17.63 12.09
N ASN A 289 8.63 -17.47 13.31
CA ASN A 289 9.91 -18.08 13.69
C ASN A 289 11.04 -17.66 12.74
N ASN A 290 10.97 -16.42 12.27
CA ASN A 290 11.90 -15.85 11.29
C ASN A 290 11.99 -16.59 9.95
N ARG A 291 10.92 -17.29 9.57
CA ARG A 291 10.85 -18.00 8.30
C ARG A 291 9.82 -17.27 7.42
N TRP A 292 10.31 -16.40 6.57
CA TRP A 292 9.45 -15.46 5.83
C TRP A 292 8.79 -16.02 4.58
N GLY A 293 9.24 -17.18 4.13
CA GLY A 293 8.60 -17.84 3.00
C GLY A 293 7.28 -18.50 3.37
N GLU A 294 7.14 -18.89 4.64
CA GLU A 294 5.92 -19.53 5.12
C GLU A 294 4.72 -18.58 5.08
N TYR A 295 3.54 -19.16 5.09
CA TYR A 295 2.28 -18.40 5.14
C TYR A 295 1.78 -18.32 6.59
N HIS A 296 1.77 -17.11 7.11
CA HIS A 296 1.26 -16.78 8.45
C HIS A 296 0.30 -15.61 8.33
N PRO A 297 -0.96 -15.89 7.97
CA PRO A 297 -1.94 -14.78 7.77
C PRO A 297 -2.25 -14.03 9.08
N TYR A 298 -1.80 -14.54 10.22
CA TYR A 298 -1.92 -13.76 11.47
C TYR A 298 -1.19 -12.41 11.33
N SER A 299 -0.20 -12.29 10.44
CA SER A 299 0.43 -11.01 10.29
C SER A 299 -0.56 -9.96 9.82
N ASN A 300 -1.55 -10.35 9.02
CA ASN A 300 -2.55 -9.40 8.57
C ASN A 300 -3.42 -8.96 9.76
N VAL A 301 -3.66 -9.86 10.70
CA VAL A 301 -4.40 -9.50 11.91
C VAL A 301 -3.59 -8.52 12.77
N LEU A 302 -2.28 -8.75 12.88
CA LEU A 302 -1.43 -7.85 13.63
C LEU A 302 -1.48 -6.44 13.01
N TRP A 303 -1.36 -6.31 11.70
CA TRP A 303 -1.45 -4.99 11.08
C TRP A 303 -2.82 -4.36 11.27
N LEU A 304 -3.88 -5.15 11.14
CA LEU A 304 -5.21 -4.59 11.42
C LEU A 304 -5.35 -4.13 12.86
N HIS A 305 -4.71 -4.82 13.79
CA HIS A 305 -4.69 -4.34 15.19
C HIS A 305 -3.97 -3.04 15.36
N TYR A 306 -2.81 -2.93 14.71
CA TYR A 306 -2.06 -1.68 14.72
C TYR A 306 -2.93 -0.56 14.11
N LEU A 307 -3.69 -0.83 13.04
CA LEU A 307 -4.54 0.23 12.45
C LEU A 307 -5.72 0.60 13.30
N THR A 308 -6.32 -0.39 13.98
CA THR A 308 -7.40 -0.13 14.90
C THR A 308 -6.88 0.73 16.04
N ASP A 309 -5.68 0.41 16.49
CA ASP A 309 -5.04 1.13 17.58
C ASP A 309 -4.83 2.59 17.16
N LYS A 310 -4.38 2.82 15.95
CA LYS A 310 -4.29 4.19 15.43
C LYS A 310 -5.64 4.89 15.43
N MET A 311 -6.69 4.21 14.95
N MET A 311 -6.69 4.24 15.00
CA MET A 311 -8.08 4.77 14.90
CA MET A 311 -7.96 4.91 14.96
C MET A 311 -8.55 5.26 16.28
C MET A 311 -8.44 5.35 16.32
N LEU A 312 -8.18 4.53 17.33
CA LEU A 312 -8.64 4.83 18.68
C LEU A 312 -7.74 5.78 19.45
N LYS A 313 -6.44 5.83 19.13
CA LYS A 313 -5.49 6.58 19.94
C LYS A 313 -4.89 7.81 19.26
N GLN A 314 -4.73 7.76 17.94
CA GLN A 314 -4.07 8.86 17.22
C GLN A 314 -5.01 9.65 16.29
N MET A 315 -5.99 9.00 15.69
CA MET A 315 -6.92 9.74 14.82
C MET A 315 -7.76 10.66 15.77
N THR A 316 -8.13 11.83 15.26
CA THR A 316 -9.07 12.68 15.96
C THR A 316 -10.11 13.10 14.94
N PHE A 317 -11.38 12.99 15.30
CA PHE A 317 -12.49 13.08 14.35
C PHE A 317 -13.20 14.40 14.49
N LYS A 318 -13.72 14.89 13.38
CA LYS A 318 -14.43 16.16 13.38
C LYS A 318 -15.69 16.22 14.29
N THR A 319 -16.40 15.08 14.30
CA THR A 319 -17.54 14.86 15.16
C THR A 319 -17.20 13.70 16.07
N LYS A 320 -17.36 13.97 17.38
CA LYS A 320 -17.11 12.95 18.38
C LYS A 320 -18.36 12.11 18.52
N CYS A 321 -18.21 11.08 19.35
CA CYS A 321 -19.31 10.17 19.62
C CYS A 321 -20.17 10.75 20.71
N ASN A 322 -21.14 11.58 20.30
CA ASN A 322 -21.94 12.35 21.23
C ASN A 322 -23.28 11.72 21.71
N THR A 323 -23.80 10.77 20.93
CA THR A 323 -25.07 10.07 21.23
C THR A 323 -24.79 8.63 21.65
N PRO A 324 -25.75 7.95 22.34
CA PRO A 324 -25.48 6.53 22.66
C PRO A 324 -25.23 5.65 21.46
N ALA A 325 -25.89 5.92 20.32
CA ALA A 325 -25.63 5.10 19.12
C ALA A 325 -24.18 5.25 18.60
N MET A 326 -23.65 6.48 18.66
CA MET A 326 -22.25 6.70 18.31
C MET A 326 -21.31 6.15 19.38
N LYS A 327 -21.65 6.32 20.64
CA LYS A 327 -20.88 5.69 21.70
C LYS A 327 -20.84 4.18 21.59
N GLN A 328 -21.92 3.57 21.10
CA GLN A 328 -21.89 2.14 20.87
C GLN A 328 -20.95 1.73 19.73
N ILE A 329 -20.89 2.49 18.63
CA ILE A 329 -19.91 2.22 17.56
C ILE A 329 -18.52 2.32 18.15
N LYS A 330 -18.29 3.36 18.98
CA LYS A 330 -16.99 3.48 19.60
C LYS A 330 -16.68 2.26 20.46
N ARG A 331 -17.63 1.85 21.27
CA ARG A 331 -17.43 0.68 22.12
C ARG A 331 -17.17 -0.57 21.28
N LYS A 332 -17.89 -0.75 20.16
CA LYS A 332 -17.68 -1.93 19.29
C LYS A 332 -16.30 -1.90 18.64
N ILE A 333 -15.78 -0.72 18.30
CA ILE A 333 -14.41 -0.66 17.79
C ILE A 333 -13.39 -0.98 18.92
N GLN A 334 -13.65 -0.48 20.14
CA GLN A 334 -12.82 -0.83 21.30
C GLN A 334 -12.85 -2.32 21.54
N GLU A 335 -14.03 -2.93 21.40
CA GLU A 335 -14.19 -4.38 21.56
C GLU A 335 -13.43 -5.15 20.49
N PHE A 336 -13.50 -4.69 19.24
CA PHE A 336 -12.69 -5.25 18.15
C PHE A 336 -11.21 -5.21 18.52
N HIS A 337 -10.74 -4.06 19.01
CA HIS A 337 -9.35 -3.88 19.40
C HIS A 337 -8.93 -4.94 20.44
N ARG A 338 -9.78 -5.22 21.42
CA ARG A 338 -9.40 -6.11 22.53
C ARG A 338 -9.64 -7.59 22.20
N THR A 339 -10.35 -7.91 21.11
CA THR A 339 -10.64 -9.32 20.78
C THR A 339 -9.95 -9.81 19.49
N MET A 340 -9.64 -8.90 18.57
CA MET A 340 -9.19 -9.32 17.23
C MET A 340 -7.88 -10.13 17.22
N LEU A 341 -7.00 -9.95 18.19
CA LEU A 341 -5.78 -10.76 18.24
C LEU A 341 -6.03 -12.23 18.47
N ASN A 342 -7.27 -12.60 18.84
CA ASN A 342 -7.65 -14.00 18.99
C ASN A 342 -8.23 -14.64 17.73
N PHE A 343 -8.00 -14.00 16.58
CA PHE A 343 -8.44 -14.52 15.28
C PHE A 343 -7.22 -14.83 14.46
N SER A 344 -7.36 -15.77 13.54
N SER A 344 -7.36 -15.78 13.55
CA SER A 344 -6.17 -16.36 12.91
CA SER A 344 -6.19 -16.39 12.90
C SER A 344 -5.78 -15.72 11.60
C SER A 344 -5.78 -15.72 11.60
N SER A 345 -6.67 -14.90 11.02
CA SER A 345 -6.44 -14.34 9.70
C SER A 345 -7.44 -13.24 9.47
N ALA A 346 -7.22 -12.43 8.45
CA ALA A 346 -8.26 -11.48 8.07
C ALA A 346 -9.55 -12.16 7.65
N THR A 347 -9.41 -13.33 7.05
CA THR A 347 -10.58 -14.09 6.64
C THR A 347 -11.41 -14.49 7.87
N ASP A 348 -10.75 -14.99 8.92
CA ASP A 348 -11.41 -15.33 10.19
C ASP A 348 -12.09 -14.10 10.76
N LEU A 349 -11.40 -12.95 10.78
CA LEU A 349 -12.04 -11.74 11.26
C LEU A 349 -13.29 -11.38 10.44
N LEU A 350 -13.16 -11.35 9.13
CA LEU A 350 -14.28 -10.91 8.28
C LEU A 350 -15.48 -11.82 8.46
N CYS A 351 -15.22 -13.11 8.54
CA CYS A 351 -16.31 -14.09 8.56
C CYS A 351 -16.90 -14.30 9.93
N GLN A 352 -16.12 -14.08 10.99
CA GLN A 352 -16.56 -14.44 12.35
C GLN A 352 -16.69 -13.29 13.33
N HIS A 353 -16.01 -12.16 13.09
CA HIS A 353 -16.05 -11.09 14.07
C HIS A 353 -17.40 -10.37 14.06
N SER A 354 -17.95 -10.16 15.25
CA SER A 354 -19.23 -9.46 15.37
C SER A 354 -19.25 -8.03 14.80
N LEU A 355 -18.11 -7.38 14.71
CA LEU A 355 -18.05 -6.01 14.17
C LEU A 355 -18.62 -5.92 12.74
N PHE A 356 -18.50 -7.01 12.01
CA PHE A 356 -18.80 -7.04 10.58
C PHE A 356 -20.10 -7.77 10.29
N LYS A 357 -20.92 -8.03 11.31
CA LYS A 357 -22.26 -8.61 11.17
C LYS A 357 -23.38 -7.57 11.14
#